data_9J8D
#
_entry.id   9J8D
#
_cell.length_a   1.00
_cell.length_b   1.00
_cell.length_c   1.00
_cell.angle_alpha   90.00
_cell.angle_beta   90.00
_cell.angle_gamma   90.00
#
_symmetry.space_group_name_H-M   'P 1'
#
loop_
_entity.id
_entity.type
_entity.pdbx_description
1 polymer 'Isoform GlyT-1B of Sodium- and chloride-dependent glycine transporter 1'
2 non-polymer Iclepertin
3 non-polymer 'CHLORIDE ION'
4 non-polymer CHOLESTEROL
5 non-polymer 'SODIUM ION'
6 water water
#
_entity_poly.entity_id   1
_entity_poly.type   'polypeptide(L)'
_entity_poly.pdbx_seq_one_letter_code
;MSGGDTRAAIARPRMAAAHGPVAPSSPEQNGAVPSEATKRDQNLKRGNWGNQIEFVLTSVGYAVGLGNVWRFPYLCYRNG
GGAFMFPYFIMLIFCGIPLFFMELSFGQFASQGCLGVWRISPMFKGVGYGMMVVSTYIGIYYNVVICIAFYYFFSSMTHV
LPWAYCNNPWNTHDCAGVLDASNLTNGSRPAALPSNLSHLLNHSLQRTSPSEEYWRLYVLKLSDDIGNFGEVRLPLLGCL
GVSWLVVFLCLIRGVKSSGKVVYFTATFPYVVLTILFVRGVTLEGAFDGIMYYLTPQWDKILEAKVWGDAASQIFYSLGC
AWGGLITMASYNKFHNNCYRDSVIISITNCATSVYAGFVIFSILGFMANHLGVDVSRVADHGPGLAFVAYPEALTLLPIS
PLWSLLFFFMLILLGLGTQFCLLETLVTAIVDEVGNEWILQKKTYVTLGVAVAGFLLGIPLTSQAGIYWLLLMDNYAASF
SLVVISCIMCVAIMYIYGHRNYFQDIQMMLGFPPPLFFQICWRFVSPAIIFFILVFTVIQYQPITYNHYQYPGWAVAIGF
LMALSSVLCIPLYAMFRLCRTDGDTLLQRLKNATKPSRDWGPALLEHRTGRYAPTIAPSPEDGFEVQPLHPDKAQIPIVG
SNGSSRLQDSRI
;
_entity_poly.pdbx_strand_id   A
#
loop_
_chem_comp.id
_chem_comp.type
_chem_comp.name
_chem_comp.formula
A1EBX non-polymer Iclepertin 'C20 H18 F6 N2 O5 S'
CL non-polymer 'CHLORIDE ION' 'Cl -1'
CLR non-polymer CHOLESTEROL 'C27 H46 O'
NA non-polymer 'SODIUM ION' 'Na 1'
#
# COMPACT_ATOMS: atom_id res chain seq x y z
N GLU A 54 11.12 5.00 17.13
CA GLU A 54 12.20 5.99 17.09
C GLU A 54 13.56 5.30 17.13
N PHE A 55 14.09 5.01 15.94
CA PHE A 55 15.39 4.34 15.76
C PHE A 55 15.44 2.97 16.41
N VAL A 56 14.30 2.37 16.71
CA VAL A 56 14.23 1.01 17.25
C VAL A 56 13.34 0.18 16.33
N LEU A 57 12.09 0.59 16.19
CA LEU A 57 11.15 -0.10 15.32
C LEU A 57 10.96 0.60 13.97
N THR A 58 11.52 1.79 13.80
CA THR A 58 11.39 2.53 12.55
C THR A 58 12.11 1.83 11.40
N SER A 59 13.06 0.95 11.74
CA SER A 59 13.84 0.26 10.73
C SER A 59 13.56 -1.24 10.65
N VAL A 60 13.24 -1.90 11.76
CA VAL A 60 12.80 -3.29 11.66
C VAL A 60 11.49 -3.37 10.90
N GLY A 61 10.68 -2.34 10.99
CA GLY A 61 9.47 -2.24 10.22
C GLY A 61 9.11 -0.79 10.03
N TYR A 62 7.83 -0.56 9.77
CA TYR A 62 7.23 0.77 9.71
C TYR A 62 7.68 1.49 8.46
N ALA A 63 8.71 0.97 7.81
CA ALA A 63 9.33 1.60 6.65
C ALA A 63 9.68 0.61 5.55
N VAL A 64 9.93 -0.65 5.91
CA VAL A 64 10.40 -1.66 4.97
C VAL A 64 9.28 -2.65 4.74
N GLY A 65 8.95 -2.89 3.48
CA GLY A 65 7.89 -3.82 3.15
C GLY A 65 7.72 -3.93 1.66
N LEU A 66 6.70 -4.67 1.25
CA LEU A 66 6.44 -4.85 -0.17
C LEU A 66 5.91 -3.57 -0.82
N GLY A 67 5.41 -2.63 -0.03
CA GLY A 67 5.00 -1.35 -0.56
C GLY A 67 6.14 -0.38 -0.82
N ASN A 68 7.35 -0.76 -0.46
CA ASN A 68 8.55 0.04 -0.70
C ASN A 68 9.47 -0.55 -1.76
N VAL A 69 9.49 -1.88 -1.90
CA VAL A 69 10.39 -2.54 -2.83
C VAL A 69 9.67 -3.14 -4.03
N TRP A 70 8.34 -3.16 -4.05
CA TRP A 70 7.60 -3.75 -5.16
C TRP A 70 6.66 -2.77 -5.85
N ARG A 71 5.97 -1.92 -5.09
CA ARG A 71 4.97 -1.03 -5.66
C ARG A 71 5.54 0.30 -6.14
N PHE A 72 6.36 0.94 -5.31
CA PHE A 72 6.92 2.24 -5.68
C PHE A 72 7.73 2.19 -6.96
N PRO A 73 8.63 1.23 -7.19
CA PRO A 73 9.37 1.22 -8.46
C PRO A 73 8.48 1.17 -9.69
N TYR A 74 7.46 0.30 -9.71
CA TYR A 74 6.68 0.18 -10.94
C TYR A 74 5.72 1.36 -11.10
N LEU A 75 5.20 1.91 -10.01
CA LEU A 75 4.41 3.12 -10.13
C LEU A 75 5.25 4.28 -10.65
N CYS A 76 6.47 4.44 -10.14
CA CYS A 76 7.34 5.51 -10.61
C CYS A 76 7.70 5.32 -12.08
N TYR A 77 7.99 4.09 -12.49
CA TYR A 77 8.32 3.84 -13.89
C TYR A 77 7.11 4.10 -14.79
N ARG A 78 5.93 3.69 -14.36
CA ARG A 78 4.72 3.91 -15.16
C ARG A 78 4.43 5.39 -15.32
N ASN A 79 4.59 6.17 -14.24
CA ASN A 79 4.18 7.57 -14.26
C ASN A 79 5.21 8.51 -14.88
N GLY A 80 6.36 8.00 -15.30
CA GLY A 80 7.30 8.83 -16.03
C GLY A 80 8.74 8.76 -15.56
N GLY A 81 8.94 8.40 -14.29
CA GLY A 81 10.29 8.41 -13.74
C GLY A 81 10.60 9.71 -13.05
N GLY A 82 11.29 10.62 -13.76
CA GLY A 82 11.62 11.91 -13.18
C GLY A 82 10.44 12.86 -13.06
N ALA A 83 9.36 12.60 -13.79
CA ALA A 83 8.15 13.41 -13.69
C ALA A 83 7.27 13.00 -12.53
N PHE A 84 7.65 11.96 -11.79
CA PHE A 84 6.91 11.49 -10.62
C PHE A 84 7.53 11.95 -9.31
N MET A 85 8.78 12.39 -9.32
CA MET A 85 9.48 12.71 -8.08
C MET A 85 8.98 14.01 -7.46
N PHE A 86 8.82 15.06 -8.27
CA PHE A 86 8.42 16.36 -7.73
C PHE A 86 7.05 16.32 -7.06
N PRO A 87 5.98 15.81 -7.70
CA PRO A 87 4.72 15.66 -6.96
C PRO A 87 4.83 14.76 -5.75
N TYR A 88 5.68 13.74 -5.80
CA TYR A 88 5.85 12.84 -4.67
C TYR A 88 6.32 13.59 -3.44
N PHE A 89 7.40 14.37 -3.56
CA PHE A 89 7.90 15.11 -2.41
C PHE A 89 6.95 16.22 -2.00
N ILE A 90 6.34 16.91 -2.97
CA ILE A 90 5.43 18.01 -2.64
C ILE A 90 4.25 17.48 -1.84
N MET A 91 3.68 16.34 -2.24
CA MET A 91 2.55 15.78 -1.52
C MET A 91 2.96 15.04 -0.26
N LEU A 92 4.24 14.68 -0.12
CA LEU A 92 4.70 14.13 1.14
C LEU A 92 4.83 15.21 2.21
N ILE A 93 5.35 16.38 1.83
CA ILE A 93 5.62 17.41 2.83
C ILE A 93 4.32 17.98 3.39
N PHE A 94 3.36 18.30 2.51
CA PHE A 94 2.16 19.02 2.91
C PHE A 94 0.93 18.16 3.07
N CYS A 95 0.93 16.93 2.53
CA CYS A 95 -0.29 16.14 2.37
C CYS A 95 -0.07 14.70 2.83
N GLY A 96 0.38 14.52 4.06
CA GLY A 96 0.55 13.18 4.56
C GLY A 96 1.61 12.99 5.63
N ILE A 97 2.41 14.01 5.90
CA ILE A 97 3.12 14.06 7.18
C ILE A 97 2.16 14.62 8.23
N PRO A 98 1.40 15.69 7.98
CA PRO A 98 0.40 16.11 8.96
C PRO A 98 -0.67 15.06 9.24
N LEU A 99 -1.12 14.32 8.22
CA LEU A 99 -2.18 13.35 8.42
C LEU A 99 -1.72 12.11 9.18
N PHE A 100 -0.47 11.68 9.01
CA PHE A 100 0.09 10.61 9.83
C PHE A 100 0.11 10.99 11.30
N PHE A 101 0.54 12.22 11.60
CA PHE A 101 0.51 12.70 12.97
C PHE A 101 -0.91 12.79 13.51
N MET A 102 -1.84 13.27 12.69
CA MET A 102 -3.24 13.36 13.13
C MET A 102 -3.79 11.98 13.46
N GLU A 103 -3.52 11.00 12.61
CA GLU A 103 -4.02 9.65 12.87
C GLU A 103 -3.41 9.06 14.14
N LEU A 104 -2.10 9.23 14.33
CA LEU A 104 -1.45 8.69 15.52
C LEU A 104 -1.99 9.34 16.80
N SER A 105 -2.13 10.67 16.80
CA SER A 105 -2.64 11.35 17.98
C SER A 105 -4.10 10.99 18.25
N PHE A 106 -4.90 10.88 17.19
CA PHE A 106 -6.30 10.51 17.34
C PHE A 106 -6.45 9.12 17.93
N GLY A 107 -5.60 8.18 17.48
CA GLY A 107 -5.62 6.85 18.08
C GLY A 107 -5.16 6.83 19.51
N GLN A 108 -4.10 7.57 19.83
CA GLN A 108 -3.49 7.50 21.15
C GLN A 108 -4.31 8.24 22.21
N PHE A 109 -5.02 9.30 21.84
CA PHE A 109 -5.74 10.10 22.84
C PHE A 109 -6.79 9.26 23.56
N ALA A 110 -7.77 8.76 22.82
CA ALA A 110 -8.74 7.81 23.35
C ALA A 110 -8.31 6.42 22.94
N SER A 111 -8.07 5.55 23.94
CA SER A 111 -7.49 4.25 23.66
C SER A 111 -8.51 3.33 22.99
N GLN A 112 -8.81 3.59 21.72
CA GLN A 112 -9.77 2.81 20.96
C GLN A 112 -9.18 2.48 19.61
N GLY A 113 -9.75 1.47 18.96
CA GLY A 113 -9.32 1.03 17.65
C GLY A 113 -9.94 1.85 16.54
N CYS A 114 -9.96 1.27 15.34
CA CYS A 114 -10.53 1.97 14.19
C CYS A 114 -12.02 2.21 14.38
N LEU A 115 -12.74 1.22 14.89
CA LEU A 115 -14.14 1.35 15.23
C LEU A 115 -14.26 1.52 16.75
N GLY A 116 -15.04 2.50 17.17
CA GLY A 116 -15.17 2.85 18.56
C GLY A 116 -14.42 4.11 18.93
N VAL A 117 -13.45 4.54 18.11
CA VAL A 117 -12.85 5.86 18.29
C VAL A 117 -13.79 6.95 17.79
N TRP A 118 -14.82 6.59 17.05
CA TRP A 118 -15.79 7.55 16.52
C TRP A 118 -16.91 7.83 17.52
N ARG A 119 -16.52 8.10 18.76
CA ARG A 119 -17.41 8.73 19.73
C ARG A 119 -17.28 10.24 19.72
N ILE A 120 -16.28 10.76 19.00
CA ILE A 120 -16.14 12.19 18.79
C ILE A 120 -17.29 12.72 17.95
N SER A 121 -17.81 11.91 17.04
CA SER A 121 -18.97 12.21 16.21
C SER A 121 -19.58 10.91 15.73
N PRO A 122 -20.59 10.38 16.42
CA PRO A 122 -21.12 9.05 16.06
C PRO A 122 -21.71 8.97 14.67
N MET A 123 -22.15 10.09 14.09
CA MET A 123 -22.73 10.05 12.75
C MET A 123 -21.70 9.66 11.70
N PHE A 124 -20.43 10.02 11.92
CA PHE A 124 -19.37 9.76 10.95
C PHE A 124 -18.68 8.41 11.16
N LYS A 125 -19.36 7.45 11.79
CA LYS A 125 -18.78 6.13 11.98
C LYS A 125 -18.60 5.37 10.67
N GLY A 126 -19.23 5.82 9.59
CA GLY A 126 -19.05 5.17 8.30
C GLY A 126 -17.64 5.30 7.75
N VAL A 127 -16.83 6.21 8.29
CA VAL A 127 -15.43 6.28 7.90
C VAL A 127 -14.68 5.04 8.37
N GLY A 128 -15.03 4.52 9.54
CA GLY A 128 -14.38 3.32 10.03
C GLY A 128 -14.67 2.10 9.19
N TYR A 129 -15.93 1.94 8.75
CA TYR A 129 -16.28 0.81 7.91
C TYR A 129 -15.67 0.89 6.52
N GLY A 130 -15.34 2.11 6.06
CA GLY A 130 -14.70 2.26 4.78
C GLY A 130 -13.25 1.81 4.75
N MET A 131 -12.60 1.75 5.91
CA MET A 131 -11.22 1.26 5.97
C MET A 131 -11.16 -0.26 6.05
N MET A 132 -12.18 -0.90 6.62
CA MET A 132 -12.23 -2.36 6.60
C MET A 132 -12.55 -2.90 5.22
N VAL A 133 -13.36 -2.17 4.43
CA VAL A 133 -13.60 -2.59 3.06
C VAL A 133 -12.33 -2.49 2.23
N VAL A 134 -11.58 -1.41 2.40
CA VAL A 134 -10.32 -1.25 1.68
C VAL A 134 -9.31 -2.31 2.12
N SER A 135 -9.21 -2.54 3.43
CA SER A 135 -8.27 -3.54 3.93
C SER A 135 -8.63 -4.95 3.47
N THR A 136 -9.93 -5.24 3.33
CA THR A 136 -10.35 -6.54 2.81
C THR A 136 -9.87 -6.73 1.38
N TYR A 137 -9.96 -5.69 0.55
CA TYR A 137 -9.46 -5.78 -0.81
C TYR A 137 -7.95 -6.00 -0.83
N ILE A 138 -7.21 -5.28 0.01
CA ILE A 138 -5.76 -5.41 0.03
C ILE A 138 -5.36 -6.80 0.53
N GLY A 139 -6.03 -7.30 1.57
CA GLY A 139 -5.67 -8.59 2.14
C GLY A 139 -5.86 -9.76 1.19
N ILE A 140 -6.61 -9.58 0.12
CA ILE A 140 -6.83 -10.68 -0.84
C ILE A 140 -5.67 -10.77 -1.82
N TYR A 141 -5.32 -9.66 -2.45
CA TYR A 141 -4.27 -9.67 -3.47
C TYR A 141 -2.87 -9.50 -2.88
N TYR A 142 -2.75 -9.08 -1.62
CA TYR A 142 -1.42 -8.91 -1.04
C TYR A 142 -0.76 -10.25 -0.77
N ASN A 143 -1.56 -11.30 -0.58
CA ASN A 143 -1.04 -12.63 -0.35
C ASN A 143 -0.85 -13.41 -1.65
N VAL A 144 -1.12 -12.79 -2.79
CA VAL A 144 -0.75 -13.38 -4.08
C VAL A 144 0.63 -12.91 -4.51
N VAL A 145 1.06 -11.73 -4.08
CA VAL A 145 2.45 -11.32 -4.28
C VAL A 145 3.38 -12.19 -3.48
N ILE A 146 2.95 -12.62 -2.29
CA ILE A 146 3.79 -13.45 -1.43
C ILE A 146 3.95 -14.84 -2.05
N CYS A 147 2.91 -15.38 -2.65
CA CYS A 147 3.01 -16.72 -3.23
C CYS A 147 3.88 -16.72 -4.48
N ILE A 148 4.01 -15.58 -5.15
CA ILE A 148 4.97 -15.48 -6.26
C ILE A 148 6.39 -15.50 -5.73
N ALA A 149 6.63 -14.83 -4.59
CA ALA A 149 7.94 -14.89 -3.95
C ALA A 149 8.27 -16.30 -3.47
N PHE A 150 7.26 -17.06 -3.07
CA PHE A 150 7.48 -18.46 -2.72
C PHE A 150 7.93 -19.27 -3.94
N TYR A 151 7.36 -18.98 -5.11
CA TYR A 151 7.73 -19.69 -6.32
C TYR A 151 9.17 -19.42 -6.70
N TYR A 152 9.63 -18.18 -6.58
CA TYR A 152 11.01 -17.85 -6.91
C TYR A 152 11.97 -18.37 -5.84
N PHE A 153 11.53 -18.42 -4.58
CA PHE A 153 12.36 -18.97 -3.52
C PHE A 153 12.60 -20.46 -3.71
N PHE A 154 11.56 -21.19 -4.12
CA PHE A 154 11.69 -22.64 -4.32
C PHE A 154 12.43 -22.99 -5.61
N SER A 155 12.44 -22.10 -6.59
CA SER A 155 13.12 -22.35 -7.85
C SER A 155 14.57 -21.90 -7.84
N SER A 156 15.06 -21.37 -6.72
CA SER A 156 16.45 -20.99 -6.57
C SER A 156 17.32 -22.08 -5.97
N MET A 157 16.73 -23.24 -5.67
CA MET A 157 17.48 -24.34 -5.06
C MET A 157 18.08 -25.24 -6.13
N THR A 158 18.86 -24.62 -7.03
CA THR A 158 19.53 -25.33 -8.11
C THR A 158 20.99 -24.90 -8.10
N HIS A 159 21.73 -25.36 -9.12
CA HIS A 159 23.10 -24.94 -9.31
C HIS A 159 23.25 -23.84 -10.35
N VAL A 160 22.28 -23.68 -11.24
CA VAL A 160 22.21 -22.55 -12.16
C VAL A 160 20.80 -21.98 -12.09
N LEU A 161 20.70 -20.66 -12.12
CA LEU A 161 19.39 -20.02 -12.09
C LEU A 161 18.67 -20.23 -13.41
N PRO A 162 17.40 -20.62 -13.40
CA PRO A 162 16.69 -20.90 -14.66
C PRO A 162 16.50 -19.67 -15.54
N TRP A 163 16.59 -18.46 -14.99
CA TRP A 163 16.40 -17.23 -15.75
C TRP A 163 17.71 -16.57 -16.14
N ALA A 164 18.76 -17.37 -16.37
CA ALA A 164 20.08 -16.84 -16.67
C ALA A 164 20.50 -17.00 -18.12
N TYR A 165 19.91 -17.94 -18.86
CA TYR A 165 20.32 -18.22 -20.22
C TYR A 165 19.09 -18.32 -21.12
N CYS A 166 19.33 -18.30 -22.43
CA CYS A 166 18.27 -18.36 -23.43
C CYS A 166 18.22 -19.71 -24.14
N ASN A 167 18.78 -20.76 -23.54
CA ASN A 167 18.79 -22.09 -24.14
C ASN A 167 17.65 -22.97 -23.62
N ASN A 168 16.77 -22.42 -22.80
CA ASN A 168 15.64 -23.17 -22.26
C ASN A 168 14.59 -23.43 -23.34
N PRO A 169 13.78 -24.48 -23.18
CA PRO A 169 12.79 -24.81 -24.20
C PRO A 169 11.70 -23.76 -24.38
N TRP A 170 11.48 -22.88 -23.42
CA TRP A 170 10.41 -21.89 -23.49
C TRP A 170 10.88 -20.56 -24.07
N ASN A 171 12.12 -20.47 -24.52
CA ASN A 171 12.66 -19.23 -25.06
C ASN A 171 12.35 -19.10 -26.54
N THR A 172 12.12 -17.85 -26.97
CA THR A 172 11.85 -17.55 -28.37
C THR A 172 13.17 -17.28 -29.10
N HIS A 173 13.07 -16.89 -30.37
CA HIS A 173 14.25 -16.64 -31.18
C HIS A 173 14.81 -15.23 -31.00
N ASP A 174 14.12 -14.35 -30.28
CA ASP A 174 14.58 -12.99 -30.05
C ASP A 174 15.14 -12.80 -28.64
N CYS A 175 15.55 -13.89 -27.99
CA CYS A 175 16.19 -13.79 -26.68
C CYS A 175 17.62 -13.27 -26.84
N ALA A 176 18.05 -12.45 -25.88
CA ALA A 176 19.41 -11.92 -25.90
C ALA A 176 19.86 -11.71 -24.46
N GLY A 177 20.95 -12.37 -24.07
CA GLY A 177 21.49 -12.25 -22.73
C GLY A 177 22.92 -11.74 -22.74
N VAL A 178 23.43 -11.44 -21.55
CA VAL A 178 24.79 -10.93 -21.40
C VAL A 178 25.76 -11.96 -20.84
N LEU A 179 25.27 -13.12 -20.40
CA LEU A 179 26.12 -14.15 -19.84
C LEU A 179 26.53 -15.15 -20.93
N ASP A 180 27.50 -15.99 -20.61
CA ASP A 180 27.98 -17.05 -21.49
C ASP A 180 28.42 -16.50 -22.84
N HIS A 203 16.15 -13.16 -35.05
CA HIS A 203 16.68 -11.83 -34.75
C HIS A 203 15.56 -10.83 -34.50
N SER A 204 14.85 -10.45 -35.56
CA SER A 204 13.72 -9.53 -35.49
C SER A 204 14.11 -8.21 -34.82
N LEU A 205 13.11 -7.48 -34.32
CA LEU A 205 13.33 -6.22 -33.63
C LEU A 205 12.91 -6.36 -32.17
N GLN A 206 13.39 -5.42 -31.35
CA GLN A 206 13.08 -5.37 -29.92
C GLN A 206 13.50 -6.67 -29.23
N ARG A 207 14.82 -6.87 -29.21
CA ARG A 207 15.40 -8.04 -28.54
C ARG A 207 14.99 -8.08 -27.07
N THR A 208 14.86 -9.29 -26.55
CA THR A 208 14.30 -9.54 -25.24
C THR A 208 15.32 -10.19 -24.31
N SER A 209 15.35 -9.71 -23.06
CA SER A 209 16.18 -10.30 -22.03
C SER A 209 15.59 -11.65 -21.59
N PRO A 210 16.45 -12.59 -21.16
CA PRO A 210 15.93 -13.87 -20.67
C PRO A 210 15.12 -13.77 -19.39
N SER A 211 15.21 -12.64 -18.68
CA SER A 211 14.63 -12.54 -17.36
C SER A 211 13.11 -12.39 -17.36
N GLU A 212 12.52 -11.77 -18.39
CA GLU A 212 11.08 -11.58 -18.33
C GLU A 212 10.33 -12.57 -19.21
N GLU A 213 11.05 -13.25 -20.10
CA GLU A 213 10.47 -14.42 -20.77
C GLU A 213 10.15 -15.52 -19.78
N TYR A 214 11.02 -15.70 -18.78
CA TYR A 214 10.73 -16.64 -17.71
C TYR A 214 9.49 -16.22 -16.92
N TRP A 215 9.34 -14.92 -16.69
CA TRP A 215 8.20 -14.41 -15.93
C TRP A 215 6.91 -14.43 -16.75
N ARG A 216 7.00 -14.22 -18.06
CA ARG A 216 5.83 -14.07 -18.90
C ARG A 216 5.45 -15.34 -19.65
N LEU A 217 6.42 -16.19 -20.00
CA LEU A 217 6.13 -17.40 -20.76
C LEU A 217 6.23 -18.68 -19.96
N TYR A 218 6.79 -18.64 -18.75
CA TYR A 218 6.90 -19.83 -17.91
C TYR A 218 6.15 -19.71 -16.60
N VAL A 219 6.39 -18.66 -15.82
CA VAL A 219 5.74 -18.53 -14.52
C VAL A 219 4.26 -18.24 -14.69
N LEU A 220 3.91 -17.32 -15.59
CA LEU A 220 2.54 -16.84 -15.71
C LEU A 220 1.76 -17.50 -16.83
N LYS A 221 2.38 -17.73 -17.99
CA LYS A 221 1.69 -18.16 -19.21
C LYS A 221 0.51 -17.22 -19.49
N LEU A 222 0.85 -15.96 -19.72
CA LEU A 222 -0.14 -14.90 -19.84
C LEU A 222 -1.01 -15.09 -21.07
N SER A 223 -2.27 -14.67 -20.96
CA SER A 223 -3.21 -14.68 -22.06
C SER A 223 -3.32 -13.26 -22.64
N ASP A 224 -4.01 -13.17 -23.78
CA ASP A 224 -4.06 -11.93 -24.55
C ASP A 224 -5.18 -10.99 -24.11
N ASP A 225 -6.01 -11.39 -23.15
CA ASP A 225 -7.13 -10.55 -22.73
C ASP A 225 -7.50 -10.90 -21.29
N ILE A 226 -8.22 -9.97 -20.64
CA ILE A 226 -8.71 -10.24 -19.30
C ILE A 226 -9.87 -11.22 -19.30
N GLY A 227 -10.58 -11.34 -20.43
CA GLY A 227 -11.69 -12.28 -20.52
C GLY A 227 -11.30 -13.70 -20.83
N ASN A 228 -10.03 -13.95 -21.16
CA ASN A 228 -9.55 -15.30 -21.47
C ASN A 228 -9.01 -15.90 -20.19
N PHE A 229 -9.88 -16.60 -19.47
CA PHE A 229 -9.51 -17.16 -18.17
C PHE A 229 -8.41 -18.22 -18.30
N GLY A 230 -8.50 -19.07 -19.31
CA GLY A 230 -7.50 -20.11 -19.48
C GLY A 230 -7.62 -21.18 -18.42
N GLU A 231 -6.47 -21.68 -17.97
CA GLU A 231 -6.41 -22.74 -16.98
C GLU A 231 -5.75 -22.23 -15.70
N VAL A 232 -6.14 -22.79 -14.57
CA VAL A 232 -5.59 -22.40 -13.28
C VAL A 232 -4.21 -23.02 -13.12
N ARG A 233 -3.23 -22.19 -12.75
CA ARG A 233 -1.85 -22.64 -12.61
C ARG A 233 -1.69 -23.41 -11.29
N LEU A 234 -1.33 -24.69 -11.40
CA LEU A 234 -1.21 -25.53 -10.21
C LEU A 234 -0.09 -25.10 -9.27
N PRO A 235 1.15 -24.83 -9.72
CA PRO A 235 2.18 -24.39 -8.76
C PRO A 235 1.82 -23.12 -8.02
N LEU A 236 1.21 -22.15 -8.70
CA LEU A 236 0.80 -20.92 -8.03
C LEU A 236 -0.29 -21.19 -7.00
N LEU A 237 -1.23 -22.08 -7.31
CA LEU A 237 -2.26 -22.45 -6.35
C LEU A 237 -1.65 -23.12 -5.13
N GLY A 238 -0.69 -24.02 -5.34
CA GLY A 238 -0.03 -24.66 -4.21
C GLY A 238 0.72 -23.67 -3.33
N CYS A 239 1.43 -22.73 -3.96
CA CYS A 239 2.15 -21.71 -3.19
C CYS A 239 1.19 -20.81 -2.43
N LEU A 240 0.06 -20.46 -3.04
CA LEU A 240 -0.94 -19.65 -2.35
C LEU A 240 -1.52 -20.39 -1.15
N GLY A 241 -1.82 -21.68 -1.32
CA GLY A 241 -2.29 -22.47 -0.19
C GLY A 241 -1.27 -22.57 0.93
N VAL A 242 0.00 -22.74 0.57
CA VAL A 242 1.06 -22.79 1.58
C VAL A 242 1.15 -21.46 2.33
N SER A 243 1.08 -20.35 1.59
CA SER A 243 1.14 -19.03 2.22
C SER A 243 -0.02 -18.81 3.18
N TRP A 244 -1.23 -19.18 2.77
CA TRP A 244 -2.37 -18.98 3.65
C TRP A 244 -2.31 -19.89 4.87
N LEU A 245 -1.84 -21.13 4.69
CA LEU A 245 -1.67 -22.02 5.84
C LEU A 245 -0.65 -21.46 6.83
N VAL A 246 0.47 -20.95 6.33
CA VAL A 246 1.49 -20.37 7.20
C VAL A 246 0.94 -19.16 7.93
N VAL A 247 0.16 -18.32 7.24
CA VAL A 247 -0.41 -17.14 7.89
C VAL A 247 -1.39 -17.55 8.98
N PHE A 248 -2.26 -18.52 8.68
CA PHE A 248 -3.28 -18.92 9.65
C PHE A 248 -2.66 -19.59 10.87
N LEU A 249 -1.63 -20.43 10.66
CA LEU A 249 -1.05 -21.17 11.78
C LEU A 249 -0.37 -20.26 12.79
N CYS A 250 -0.01 -19.03 12.40
CA CYS A 250 0.62 -18.10 13.31
C CYS A 250 -0.38 -17.22 14.05
N LEU A 251 -1.53 -16.93 13.43
CA LEU A 251 -2.57 -16.16 14.12
C LEU A 251 -3.10 -16.89 15.34
N ILE A 252 -3.31 -18.20 15.21
CA ILE A 252 -3.85 -18.99 16.32
C ILE A 252 -2.87 -19.11 17.48
N ARG A 253 -1.60 -19.38 17.20
CA ARG A 253 -0.60 -19.62 18.24
C ARG A 253 0.04 -18.32 18.72
N GLY A 254 0.47 -17.46 17.81
CA GLY A 254 1.10 -16.21 18.18
C GLY A 254 0.10 -15.17 18.67
N TYR A 263 17.40 -8.98 13.30
CA TYR A 263 17.95 -9.46 12.04
C TYR A 263 16.81 -9.94 11.15
N PHE A 264 16.98 -9.75 9.83
CA PHE A 264 15.95 -9.95 8.82
C PHE A 264 14.85 -8.89 8.95
N THR A 265 14.96 -8.07 9.99
CA THR A 265 14.16 -6.86 10.16
C THR A 265 15.14 -5.76 10.60
N ALA A 266 15.26 -4.71 9.77
CA ALA A 266 16.31 -3.71 9.88
C ALA A 266 17.68 -4.32 9.58
N THR A 267 18.63 -3.46 9.20
CA THR A 267 20.00 -3.88 8.88
C THR A 267 20.02 -4.85 7.70
N PHE A 268 19.50 -6.06 7.89
CA PHE A 268 19.55 -7.05 6.82
C PHE A 268 18.81 -6.63 5.55
N PRO A 269 17.59 -6.10 5.61
CA PRO A 269 16.98 -5.60 4.37
C PRO A 269 17.77 -4.49 3.72
N TYR A 270 18.60 -3.77 4.47
CA TYR A 270 19.47 -2.74 3.92
C TYR A 270 20.79 -3.30 3.41
N VAL A 271 21.31 -4.36 4.04
CA VAL A 271 22.57 -4.95 3.58
C VAL A 271 22.39 -5.56 2.19
N VAL A 272 21.29 -6.28 1.97
CA VAL A 272 21.06 -6.89 0.66
C VAL A 272 20.87 -5.81 -0.41
N LEU A 273 20.13 -4.75 -0.07
CA LEU A 273 19.94 -3.66 -1.01
C LEU A 273 21.25 -2.95 -1.32
N THR A 274 22.12 -2.80 -0.32
CA THR A 274 23.43 -2.19 -0.56
C THR A 274 24.29 -3.08 -1.45
N ILE A 275 24.22 -4.40 -1.26
CA ILE A 275 24.95 -5.31 -2.13
C ILE A 275 24.45 -5.19 -3.57
N LEU A 276 23.13 -5.12 -3.75
CA LEU A 276 22.57 -4.96 -5.09
C LEU A 276 22.79 -3.56 -5.66
N PHE A 277 23.08 -2.58 -4.82
CA PHE A 277 23.33 -1.22 -5.29
C PHE A 277 24.77 -0.99 -5.70
N VAL A 278 25.73 -1.51 -4.92
CA VAL A 278 27.13 -1.40 -5.29
C VAL A 278 27.40 -2.13 -6.60
N ARG A 279 26.83 -3.32 -6.76
CA ARG A 279 26.87 -4.04 -8.03
C ARG A 279 25.66 -3.61 -8.83
N GLY A 280 25.86 -2.70 -9.78
CA GLY A 280 24.76 -2.13 -10.52
C GLY A 280 24.99 -0.68 -10.88
N VAL A 281 25.81 0.02 -10.10
CA VAL A 281 26.30 1.33 -10.51
C VAL A 281 27.62 1.24 -11.24
N THR A 282 28.27 0.07 -11.24
CA THR A 282 29.50 -0.16 -11.97
C THR A 282 29.23 -0.62 -13.41
N LEU A 283 28.02 -1.07 -13.70
CA LEU A 283 27.68 -1.56 -15.03
C LEU A 283 27.69 -0.42 -16.04
N GLU A 284 27.73 -0.79 -17.31
CA GLU A 284 27.74 0.17 -18.41
C GLU A 284 26.31 0.54 -18.76
N GLY A 285 25.99 1.83 -18.68
CA GLY A 285 24.65 2.32 -18.95
C GLY A 285 23.80 2.59 -17.72
N ALA A 286 24.36 2.38 -16.52
CA ALA A 286 23.58 2.64 -15.31
C ALA A 286 23.36 4.12 -15.08
N PHE A 287 24.30 4.97 -15.52
CA PHE A 287 24.16 6.41 -15.32
C PHE A 287 22.99 6.97 -16.12
N ASP A 288 22.75 6.43 -17.31
CA ASP A 288 21.63 6.89 -18.13
C ASP A 288 20.28 6.53 -17.53
N GLY A 289 20.24 5.54 -16.64
CA GLY A 289 19.00 5.20 -15.96
C GLY A 289 18.81 5.99 -14.69
N ILE A 290 19.88 6.59 -14.20
CA ILE A 290 19.80 7.42 -13.00
C ILE A 290 19.37 8.84 -13.35
N MET A 291 19.90 9.38 -14.45
CA MET A 291 19.49 10.70 -14.90
C MET A 291 18.01 10.73 -15.28
N TYR A 292 17.54 9.68 -15.97
CA TYR A 292 16.13 9.58 -16.30
C TYR A 292 15.27 9.48 -15.04
N TYR A 293 15.83 8.95 -13.96
CA TYR A 293 15.11 8.79 -12.70
C TYR A 293 14.98 10.12 -11.94
N LEU A 294 15.91 11.04 -12.14
CA LEU A 294 15.97 12.25 -11.33
C LEU A 294 15.66 13.54 -12.09
N THR A 295 15.86 13.57 -13.40
CA THR A 295 15.64 14.81 -14.16
C THR A 295 14.17 15.12 -14.26
N PRO A 296 13.70 16.28 -13.78
CA PRO A 296 12.27 16.58 -13.83
C PRO A 296 11.80 16.86 -15.26
N GLN A 297 10.54 16.56 -15.50
CA GLN A 297 9.84 16.88 -16.75
C GLN A 297 8.75 17.88 -16.42
N TRP A 298 8.91 19.11 -16.87
CA TRP A 298 8.02 20.20 -16.50
C TRP A 298 6.76 20.27 -17.35
N ASP A 299 6.62 19.41 -18.36
CA ASP A 299 5.44 19.41 -19.21
C ASP A 299 4.35 18.49 -18.69
N LYS A 300 4.57 17.79 -17.58
CA LYS A 300 3.59 16.88 -17.02
C LYS A 300 3.15 17.24 -15.61
N ILE A 301 3.49 18.46 -15.15
CA ILE A 301 3.02 18.92 -13.84
C ILE A 301 1.64 19.54 -13.91
N LEU A 302 1.05 19.65 -15.10
CA LEU A 302 -0.30 20.17 -15.28
C LEU A 302 -1.34 19.06 -15.41
N GLU A 303 -0.95 17.81 -15.16
CA GLU A 303 -1.85 16.67 -15.28
C GLU A 303 -2.25 16.21 -13.88
N ALA A 304 -3.56 16.06 -13.66
CA ALA A 304 -4.05 15.62 -12.37
C ALA A 304 -3.82 14.13 -12.13
N LYS A 305 -3.58 13.36 -13.19
CA LYS A 305 -3.35 11.92 -13.03
C LYS A 305 -2.07 11.64 -12.26
N VAL A 306 -0.99 12.35 -12.60
CA VAL A 306 0.28 12.14 -11.91
C VAL A 306 0.17 12.56 -10.45
N TRP A 307 -0.49 13.68 -10.19
CA TRP A 307 -0.67 14.14 -8.81
C TRP A 307 -1.52 13.17 -8.02
N GLY A 308 -2.55 12.60 -8.63
CA GLY A 308 -3.35 11.59 -7.96
C GLY A 308 -2.59 10.30 -7.68
N ASP A 309 -1.75 9.88 -8.62
CA ASP A 309 -0.95 8.67 -8.40
C ASP A 309 0.11 8.89 -7.34
N ALA A 310 0.67 10.10 -7.25
CA ALA A 310 1.66 10.39 -6.22
C ALA A 310 1.03 10.44 -4.84
N ALA A 311 -0.25 10.83 -4.75
CA ALA A 311 -0.94 10.83 -3.47
C ALA A 311 -1.25 9.42 -3.00
N SER A 312 -1.53 8.51 -3.92
CA SER A 312 -1.86 7.13 -3.56
C SER A 312 -0.69 6.43 -2.88
N GLN A 313 0.52 6.62 -3.41
CA GLN A 313 1.68 5.92 -2.88
C GLN A 313 2.05 6.42 -1.50
N ILE A 314 1.90 7.72 -1.25
CA ILE A 314 2.23 8.27 0.07
C ILE A 314 1.33 7.67 1.14
N PHE A 315 0.03 7.60 0.87
CA PHE A 315 -0.90 7.09 1.86
C PHE A 315 -0.83 5.57 1.98
N TYR A 316 -0.51 4.88 0.88
CA TYR A 316 -0.40 3.43 0.93
C TYR A 316 0.78 2.99 1.78
N SER A 317 1.96 3.57 1.55
CA SER A 317 3.15 3.15 2.29
C SER A 317 3.08 3.56 3.76
N LEU A 318 2.57 4.77 4.04
CA LEU A 318 2.52 5.23 5.42
C LEU A 318 1.47 4.48 6.23
N GLY A 319 0.48 3.89 5.57
CA GLY A 319 -0.57 3.16 6.24
C GLY A 319 -1.83 3.95 6.54
N CYS A 320 -1.97 5.15 5.96
CA CYS A 320 -3.15 5.96 6.21
C CYS A 320 -4.39 5.32 5.57
N ALA A 321 -5.51 5.40 6.29
CA ALA A 321 -6.81 4.91 5.85
C ALA A 321 -6.86 3.40 5.67
N TRP A 322 -5.88 2.67 6.21
CA TRP A 322 -5.97 1.22 6.24
C TRP A 322 -6.82 0.72 7.41
N GLY A 323 -6.80 1.44 8.53
CA GLY A 323 -7.52 1.07 9.72
C GLY A 323 -6.67 0.46 10.81
N GLY A 324 -5.55 -0.16 10.45
CA GLY A 324 -4.66 -0.76 11.42
C GLY A 324 -3.69 0.18 12.08
N LEU A 325 -3.58 1.41 11.56
CA LEU A 325 -2.69 2.39 12.17
C LEU A 325 -3.27 2.95 13.46
N ILE A 326 -4.58 3.16 13.51
CA ILE A 326 -5.23 3.62 14.73
C ILE A 326 -5.25 2.52 15.79
N THR A 327 -5.47 1.26 15.38
CA THR A 327 -5.63 0.17 16.35
C THR A 327 -4.38 -0.02 17.19
N MET A 328 -3.20 -0.03 16.55
CA MET A 328 -1.96 -0.24 17.28
C MET A 328 -1.35 1.04 17.81
N ALA A 329 -1.94 2.20 17.52
CA ALA A 329 -1.58 3.43 18.21
C ALA A 329 -2.31 3.59 19.52
N SER A 330 -3.34 2.78 19.77
CA SER A 330 -4.13 2.87 20.99
C SER A 330 -3.49 2.16 22.17
N TYR A 331 -2.44 1.37 21.94
CA TYR A 331 -1.72 0.70 23.03
C TYR A 331 -0.62 1.57 23.62
N ASN A 332 -0.33 2.72 23.04
CA ASN A 332 0.69 3.61 23.55
C ASN A 332 0.22 4.31 24.83
N LYS A 333 1.19 4.79 25.60
CA LYS A 333 0.88 5.53 26.81
C LYS A 333 0.29 6.90 26.47
N PHE A 334 -0.39 7.49 27.44
CA PHE A 334 -1.02 8.79 27.23
C PHE A 334 0.03 9.87 26.98
N HIS A 335 1.07 9.91 27.82
CA HIS A 335 2.11 10.93 27.71
C HIS A 335 3.27 10.42 26.86
N ASN A 336 2.95 10.08 25.61
CA ASN A 336 3.93 9.61 24.64
C ASN A 336 4.08 10.64 23.54
N ASN A 337 5.31 10.82 23.07
CA ASN A 337 5.63 11.85 22.08
C ASN A 337 5.47 11.24 20.69
N CYS A 338 4.25 11.31 20.17
CA CYS A 338 3.94 10.77 18.84
C CYS A 338 4.36 11.71 17.71
N TYR A 339 4.64 12.97 18.02
CA TYR A 339 5.15 13.91 17.01
C TYR A 339 6.49 13.43 16.46
N ARG A 340 7.43 13.14 17.36
CA ARG A 340 8.75 12.66 16.94
C ARG A 340 8.64 11.33 16.20
N ASP A 341 7.80 10.42 16.72
CA ASP A 341 7.64 9.13 16.06
C ASP A 341 7.10 9.28 14.64
N SER A 342 6.09 10.14 14.46
CA SER A 342 5.53 10.35 13.13
C SER A 342 6.58 10.91 12.19
N VAL A 343 7.33 11.92 12.63
CA VAL A 343 8.33 12.54 11.76
C VAL A 343 9.39 11.53 11.36
N ILE A 344 9.91 10.78 12.34
CA ILE A 344 10.99 9.84 12.06
C ILE A 344 10.52 8.72 11.13
N ILE A 345 9.33 8.18 11.39
CA ILE A 345 8.83 7.08 10.56
C ILE A 345 8.58 7.56 9.14
N SER A 346 8.00 8.75 8.98
CA SER A 346 7.73 9.26 7.63
C SER A 346 9.03 9.45 6.85
N ILE A 347 10.03 10.07 7.48
CA ILE A 347 11.28 10.32 6.78
C ILE A 347 11.97 9.01 6.43
N THR A 348 11.98 8.04 7.35
CA THR A 348 12.63 6.76 7.08
C THR A 348 11.94 6.02 5.94
N ASN A 349 10.60 6.03 5.93
CA ASN A 349 9.87 5.35 4.85
C ASN A 349 10.15 5.99 3.50
N CYS A 350 10.16 7.33 3.45
CA CYS A 350 10.47 8.00 2.19
C CYS A 350 11.88 7.66 1.71
N ALA A 351 12.84 7.66 2.64
CA ALA A 351 14.22 7.34 2.26
C ALA A 351 14.34 5.92 1.73
N THR A 352 13.65 4.98 2.38
CA THR A 352 13.69 3.59 1.91
C THR A 352 13.10 3.46 0.51
N SER A 353 11.97 4.13 0.27
CA SER A 353 11.37 4.08 -1.07
C SER A 353 12.32 4.65 -2.12
N VAL A 354 12.94 5.79 -1.84
CA VAL A 354 13.83 6.41 -2.81
C VAL A 354 15.06 5.54 -3.06
N TYR A 355 15.57 4.91 -2.00
CA TYR A 355 16.76 4.07 -2.13
C TYR A 355 16.45 2.82 -2.96
N ALA A 356 15.28 2.22 -2.74
CA ALA A 356 14.87 1.10 -3.59
C ALA A 356 14.71 1.54 -5.04
N GLY A 357 14.18 2.74 -5.27
CA GLY A 357 14.10 3.26 -6.63
C GLY A 357 15.46 3.41 -7.27
N PHE A 358 16.44 3.91 -6.50
CA PHE A 358 17.82 3.99 -7.00
C PHE A 358 18.34 2.61 -7.39
N VAL A 359 18.07 1.60 -6.57
CA VAL A 359 18.53 0.25 -6.90
C VAL A 359 17.88 -0.24 -8.18
N ILE A 360 16.57 -0.04 -8.32
CA ILE A 360 15.84 -0.57 -9.49
C ILE A 360 16.28 0.13 -10.77
N PHE A 361 16.35 1.46 -10.76
CA PHE A 361 16.51 2.20 -12.00
C PHE A 361 17.91 2.08 -12.59
N SER A 362 18.90 1.61 -11.82
CA SER A 362 20.22 1.38 -12.38
C SER A 362 20.23 0.17 -13.31
N ILE A 363 19.45 -0.86 -12.98
CA ILE A 363 19.37 -2.06 -13.83
C ILE A 363 18.69 -1.74 -15.15
N LEU A 364 17.67 -0.88 -15.12
CA LEU A 364 16.94 -0.56 -16.35
C LEU A 364 17.85 0.13 -17.37
N GLY A 365 18.73 1.00 -16.91
CA GLY A 365 19.67 1.64 -17.82
C GLY A 365 20.61 0.63 -18.47
N PHE A 366 21.10 -0.34 -17.70
CA PHE A 366 21.97 -1.36 -18.26
C PHE A 366 21.21 -2.24 -19.26
N MET A 367 19.96 -2.58 -18.94
CA MET A 367 19.15 -3.36 -19.87
C MET A 367 18.93 -2.60 -21.18
N ALA A 368 18.61 -1.31 -21.08
CA ALA A 368 18.44 -0.50 -22.29
C ALA A 368 19.74 -0.41 -23.07
N ASN A 369 20.88 -0.36 -22.36
CA ASN A 369 22.17 -0.26 -23.05
C ASN A 369 22.49 -1.53 -23.82
N HIS A 370 22.29 -2.71 -23.22
CA HIS A 370 22.69 -3.93 -23.91
C HIS A 370 21.57 -4.51 -24.77
N LEU A 371 20.38 -3.91 -24.75
CA LEU A 371 19.28 -4.34 -25.60
C LEU A 371 19.04 -3.43 -26.80
N GLY A 372 19.74 -2.30 -26.88
CA GLY A 372 19.56 -1.39 -27.98
C GLY A 372 18.21 -0.71 -28.07
N VAL A 373 17.65 -0.30 -26.92
CA VAL A 373 16.39 0.40 -26.85
C VAL A 373 16.55 1.60 -25.93
N ASP A 374 15.45 2.32 -25.71
CA ASP A 374 15.43 3.46 -24.81
C ASP A 374 14.99 3.03 -23.42
N VAL A 375 15.38 3.83 -22.43
CA VAL A 375 15.02 3.52 -21.04
C VAL A 375 13.52 3.62 -20.81
N SER A 376 12.83 4.49 -21.54
CA SER A 376 11.41 4.70 -21.34
C SER A 376 10.56 3.54 -21.82
N ARG A 377 11.11 2.64 -22.64
CA ARG A 377 10.34 1.56 -23.24
C ARG A 377 11.02 0.21 -23.14
N VAL A 378 12.04 0.07 -22.28
CA VAL A 378 12.74 -1.20 -22.16
C VAL A 378 11.85 -2.26 -21.52
N ALA A 379 11.03 -1.86 -20.56
CA ALA A 379 10.18 -2.78 -19.81
C ALA A 379 8.71 -2.42 -20.01
N ASP A 380 7.85 -3.12 -19.29
CA ASP A 380 6.41 -2.94 -19.36
C ASP A 380 5.89 -2.26 -18.10
N HIS A 381 4.81 -1.51 -18.26
CA HIS A 381 4.21 -0.76 -17.14
C HIS A 381 3.23 -1.62 -16.34
N GLY A 382 3.67 -2.80 -15.94
CA GLY A 382 2.83 -3.72 -15.19
C GLY A 382 3.31 -3.90 -13.77
N PRO A 383 2.54 -4.65 -12.97
CA PRO A 383 2.92 -4.87 -11.57
C PRO A 383 3.99 -5.92 -11.35
N GLY A 384 4.68 -6.35 -12.40
CA GLY A 384 5.72 -7.35 -12.26
C GLY A 384 7.09 -6.84 -12.64
N LEU A 385 7.35 -5.55 -12.41
CA LEU A 385 8.67 -5.00 -12.70
C LEU A 385 9.72 -5.53 -11.73
N ALA A 386 9.34 -5.69 -10.46
CA ALA A 386 10.29 -6.18 -9.45
C ALA A 386 10.73 -7.61 -9.71
N PHE A 387 9.92 -8.40 -10.41
CA PHE A 387 10.25 -9.79 -10.72
C PHE A 387 10.94 -9.94 -12.06
N VAL A 388 11.27 -8.82 -12.72
CA VAL A 388 12.04 -8.83 -13.94
C VAL A 388 13.43 -8.23 -13.75
N ALA A 389 13.52 -7.15 -12.96
CA ALA A 389 14.78 -6.44 -12.75
C ALA A 389 15.61 -7.05 -11.63
N TYR A 390 14.98 -7.37 -10.51
CA TYR A 390 15.73 -7.91 -9.37
C TYR A 390 16.40 -9.23 -9.67
N PRO A 391 15.73 -10.24 -10.26
CA PRO A 391 16.44 -11.50 -10.56
C PRO A 391 17.57 -11.34 -11.56
N GLU A 392 17.54 -10.30 -12.42
CA GLU A 392 18.63 -10.10 -13.35
C GLU A 392 19.86 -9.52 -12.65
N ALA A 393 19.65 -8.70 -11.62
CA ALA A 393 20.78 -8.19 -10.85
C ALA A 393 21.48 -9.30 -10.09
N LEU A 394 20.71 -10.22 -9.51
CA LEU A 394 21.29 -11.33 -8.75
C LEU A 394 22.09 -12.29 -9.61
N THR A 395 21.85 -12.32 -10.92
CA THR A 395 22.58 -13.21 -11.80
C THR A 395 24.03 -12.79 -11.99
N LEU A 396 24.34 -11.51 -11.81
CA LEU A 396 25.68 -11.00 -12.01
C LEU A 396 26.57 -11.12 -10.78
N LEU A 397 26.00 -11.45 -9.62
CA LEU A 397 26.77 -11.60 -8.40
C LEU A 397 27.43 -12.96 -8.33
N PRO A 398 28.58 -13.08 -7.66
CA PRO A 398 29.17 -14.39 -7.44
C PRO A 398 28.31 -15.23 -6.52
N ILE A 399 28.29 -16.54 -6.79
CA ILE A 399 27.41 -17.49 -6.10
C ILE A 399 25.99 -16.94 -6.09
N SER A 400 25.37 -16.88 -7.26
CA SER A 400 24.05 -16.28 -7.38
C SER A 400 22.94 -17.00 -6.60
N PRO A 401 22.83 -18.34 -6.61
CA PRO A 401 21.71 -18.97 -5.89
C PRO A 401 21.68 -18.66 -4.41
N LEU A 402 22.85 -18.55 -3.78
CA LEU A 402 22.90 -18.26 -2.35
C LEU A 402 22.34 -16.87 -2.05
N TRP A 403 22.56 -15.91 -2.96
CA TRP A 403 22.00 -14.59 -2.78
C TRP A 403 20.51 -14.55 -3.11
N SER A 404 20.09 -15.31 -4.12
CA SER A 404 18.68 -15.36 -4.47
C SER A 404 17.84 -15.94 -3.35
N LEU A 405 18.33 -17.01 -2.71
CA LEU A 405 17.61 -17.60 -1.59
C LEU A 405 17.37 -16.58 -0.49
N LEU A 406 18.42 -15.85 -0.10
CA LEU A 406 18.29 -14.86 0.96
C LEU A 406 17.36 -13.73 0.56
N PHE A 407 17.47 -13.25 -0.69
CA PHE A 407 16.63 -12.14 -1.13
C PHE A 407 15.15 -12.52 -1.07
N PHE A 408 14.81 -13.70 -1.59
CA PHE A 408 13.40 -14.07 -1.63
C PHE A 408 12.88 -14.50 -0.25
N PHE A 409 13.73 -15.05 0.61
CA PHE A 409 13.34 -15.30 1.99
C PHE A 409 13.03 -13.98 2.70
N MET A 410 13.85 -12.96 2.48
CA MET A 410 13.61 -11.65 3.04
C MET A 410 12.29 -11.07 2.54
N LEU A 411 12.01 -11.21 1.24
CA LEU A 411 10.74 -10.73 0.71
C LEU A 411 9.56 -11.45 1.35
N ILE A 412 9.67 -12.77 1.54
CA ILE A 412 8.59 -13.54 2.15
C ILE A 412 8.33 -13.05 3.57
N LEU A 413 9.40 -12.84 4.36
CA LEU A 413 9.22 -12.37 5.73
C LEU A 413 8.60 -10.97 5.76
N LEU A 414 9.06 -10.08 4.87
CA LEU A 414 8.52 -8.73 4.83
C LEU A 414 7.03 -8.73 4.51
N GLY A 415 6.61 -9.57 3.57
CA GLY A 415 5.18 -9.67 3.27
C GLY A 415 4.39 -10.29 4.41
N LEU A 416 4.96 -11.32 5.05
CA LEU A 416 4.23 -12.03 6.10
C LEU A 416 3.96 -11.14 7.30
N GLY A 417 4.91 -10.27 7.64
CA GLY A 417 4.69 -9.38 8.77
C GLY A 417 3.48 -8.48 8.58
N THR A 418 3.39 -7.83 7.41
CA THR A 418 2.26 -6.96 7.12
C THR A 418 0.96 -7.75 7.03
N GLN A 419 1.00 -8.95 6.44
CA GLN A 419 -0.21 -9.75 6.35
C GLN A 419 -0.73 -10.13 7.74
N PHE A 420 0.19 -10.53 8.64
CA PHE A 420 -0.19 -10.84 10.02
C PHE A 420 -0.81 -9.63 10.70
N CYS A 421 -0.19 -8.46 10.56
CA CYS A 421 -0.72 -7.25 11.17
C CYS A 421 -2.13 -6.95 10.67
N LEU A 422 -2.33 -7.00 9.34
CA LEU A 422 -3.62 -6.68 8.76
C LEU A 422 -4.69 -7.66 9.22
N LEU A 423 -4.38 -8.95 9.23
CA LEU A 423 -5.40 -9.94 9.60
C LEU A 423 -5.73 -9.87 11.08
N GLU A 424 -4.73 -9.61 11.94
CA GLU A 424 -5.03 -9.41 13.35
C GLU A 424 -5.96 -8.21 13.57
N THR A 425 -5.67 -7.10 12.89
CA THR A 425 -6.55 -5.93 13.03
C THR A 425 -7.95 -6.24 12.55
N LEU A 426 -8.09 -6.92 11.41
CA LEU A 426 -9.41 -7.22 10.86
C LEU A 426 -10.20 -8.13 11.79
N VAL A 427 -9.56 -9.17 12.32
CA VAL A 427 -10.26 -10.10 13.20
C VAL A 427 -10.66 -9.42 14.49
N THR A 428 -9.78 -8.58 15.05
CA THR A 428 -10.14 -7.85 16.27
C THR A 428 -11.33 -6.92 16.02
N ALA A 429 -11.33 -6.21 14.89
CA ALA A 429 -12.44 -5.33 14.59
C ALA A 429 -13.73 -6.11 14.42
N ILE A 430 -13.68 -7.26 13.76
CA ILE A 430 -14.88 -8.07 13.56
C ILE A 430 -15.42 -8.58 14.90
N VAL A 431 -14.54 -9.12 15.75
CA VAL A 431 -15.00 -9.72 17.00
C VAL A 431 -15.52 -8.64 17.95
N ASP A 432 -14.92 -7.45 17.94
CA ASP A 432 -15.37 -6.40 18.86
C ASP A 432 -16.77 -5.92 18.50
N GLU A 433 -17.08 -5.77 17.21
CA GLU A 433 -18.38 -5.24 16.81
C GLU A 433 -19.51 -6.23 17.07
N VAL A 434 -19.27 -7.52 16.86
CA VAL A 434 -20.28 -8.55 17.06
C VAL A 434 -20.33 -9.01 18.51
N GLY A 435 -19.36 -8.60 19.32
CA GLY A 435 -19.10 -9.14 20.65
C GLY A 435 -20.29 -9.52 21.51
N ASN A 436 -20.30 -10.76 21.97
CA ASN A 436 -21.34 -11.31 22.82
C ASN A 436 -20.69 -12.31 23.77
N GLU A 437 -21.51 -13.14 24.41
CA GLU A 437 -20.98 -14.22 25.23
C GLU A 437 -20.49 -15.39 24.40
N TRP A 438 -21.24 -15.76 23.34
CA TRP A 438 -20.78 -16.81 22.44
C TRP A 438 -19.53 -16.37 21.68
N ILE A 439 -19.51 -15.14 21.21
CA ILE A 439 -18.36 -14.60 20.50
C ILE A 439 -17.29 -14.22 21.53
N LEU A 440 -16.05 -14.13 21.07
CA LEU A 440 -14.82 -13.90 21.82
C LEU A 440 -14.42 -15.16 22.59
N GLN A 441 -15.26 -16.19 22.65
CA GLN A 441 -14.87 -17.51 23.11
C GLN A 441 -14.59 -18.47 21.97
N LYS A 442 -15.02 -18.12 20.76
CA LYS A 442 -14.78 -18.88 19.54
C LYS A 442 -14.01 -18.04 18.53
N LYS A 443 -13.01 -17.30 19.01
CA LYS A 443 -12.20 -16.47 18.13
C LYS A 443 -11.38 -17.31 17.14
N THR A 444 -11.10 -18.57 17.47
CA THR A 444 -10.38 -19.44 16.55
C THR A 444 -11.19 -19.68 15.27
N TYR A 445 -12.50 -19.92 15.42
CA TYR A 445 -13.32 -20.23 14.26
C TYR A 445 -13.49 -19.03 13.33
N VAL A 446 -13.58 -17.82 13.89
CA VAL A 446 -13.63 -16.63 13.06
C VAL A 446 -12.33 -16.49 12.26
N THR A 447 -11.18 -16.75 12.91
CA THR A 447 -9.90 -16.69 12.22
C THR A 447 -9.84 -17.73 11.11
N LEU A 448 -10.34 -18.94 11.37
CA LEU A 448 -10.37 -19.96 10.33
C LEU A 448 -11.26 -19.56 9.17
N GLY A 449 -12.42 -18.97 9.47
CA GLY A 449 -13.33 -18.55 8.42
C GLY A 449 -12.77 -17.43 7.57
N VAL A 450 -12.04 -16.49 8.18
CA VAL A 450 -11.43 -15.42 7.41
C VAL A 450 -10.35 -15.98 6.48
N ALA A 451 -9.53 -16.92 6.97
CA ALA A 451 -8.47 -17.48 6.15
C ALA A 451 -9.02 -18.29 4.98
N VAL A 452 -10.08 -19.07 5.22
CA VAL A 452 -10.66 -19.88 4.14
C VAL A 452 -11.34 -18.98 3.12
N ALA A 453 -12.04 -17.94 3.57
CA ALA A 453 -12.70 -17.02 2.64
C ALA A 453 -11.69 -16.28 1.78
N GLY A 454 -10.58 -15.85 2.38
CA GLY A 454 -9.55 -15.15 1.63
C GLY A 454 -8.76 -16.03 0.69
N PHE A 455 -8.69 -17.33 0.97
CA PHE A 455 -7.98 -18.25 0.08
C PHE A 455 -8.80 -18.53 -1.17
N LEU A 456 -10.12 -18.63 -1.03
CA LEU A 456 -10.98 -18.93 -2.17
C LEU A 456 -11.06 -17.77 -3.14
N LEU A 457 -11.02 -16.54 -2.65
CA LEU A 457 -11.11 -15.37 -3.53
C LEU A 457 -9.83 -15.13 -4.31
N GLY A 458 -8.70 -15.68 -3.87
CA GLY A 458 -7.46 -15.56 -4.61
C GLY A 458 -7.25 -16.58 -5.70
N ILE A 459 -8.15 -17.56 -5.83
CA ILE A 459 -8.03 -18.55 -6.90
C ILE A 459 -8.11 -17.93 -8.29
N PRO A 460 -9.05 -17.00 -8.58
CA PRO A 460 -9.05 -16.39 -9.92
C PRO A 460 -7.79 -15.61 -10.25
N LEU A 461 -7.02 -15.19 -9.25
CA LEU A 461 -5.80 -14.44 -9.48
C LEU A 461 -4.60 -15.34 -9.80
N THR A 462 -4.77 -16.67 -9.75
CA THR A 462 -3.70 -17.60 -10.07
C THR A 462 -3.93 -18.32 -11.39
N SER A 463 -4.76 -17.76 -12.26
CA SER A 463 -5.02 -18.34 -13.57
C SER A 463 -4.17 -17.64 -14.63
N GLN A 464 -4.43 -17.95 -15.90
CA GLN A 464 -3.62 -17.38 -16.97
C GLN A 464 -3.88 -15.90 -17.18
N ALA A 465 -4.98 -15.37 -16.65
CA ALA A 465 -5.29 -13.94 -16.73
C ALA A 465 -5.26 -13.30 -15.35
N GLY A 466 -4.44 -13.83 -14.45
CA GLY A 466 -4.44 -13.37 -13.08
C GLY A 466 -3.73 -12.06 -12.84
N ILE A 467 -2.83 -11.65 -13.73
CA ILE A 467 -2.14 -10.38 -13.51
C ILE A 467 -3.02 -9.20 -13.89
N TYR A 468 -3.95 -9.39 -14.83
CA TYR A 468 -4.92 -8.34 -15.15
C TYR A 468 -5.83 -8.06 -13.97
N TRP A 469 -6.25 -9.11 -13.26
CA TRP A 469 -7.09 -8.92 -12.08
C TRP A 469 -6.31 -8.32 -10.93
N LEU A 470 -5.03 -8.67 -10.78
CA LEU A 470 -4.21 -8.09 -9.73
C LEU A 470 -3.96 -6.61 -10.00
N LEU A 471 -3.75 -6.24 -11.26
CA LEU A 471 -3.58 -4.83 -11.60
C LEU A 471 -4.88 -4.05 -11.43
N LEU A 472 -6.01 -4.69 -11.70
CA LEU A 472 -7.31 -4.01 -11.56
C LEU A 472 -7.62 -3.69 -10.11
N MET A 473 -7.35 -4.63 -9.21
CA MET A 473 -7.62 -4.41 -7.79
C MET A 473 -6.57 -3.52 -7.12
N ASP A 474 -5.45 -3.25 -7.79
CA ASP A 474 -4.43 -2.38 -7.24
C ASP A 474 -4.57 -0.93 -7.70
N ASN A 475 -5.24 -0.69 -8.83
CA ASN A 475 -5.42 0.65 -9.36
C ASN A 475 -6.78 1.24 -9.04
N TYR A 476 -7.78 0.42 -8.78
CA TYR A 476 -9.14 0.89 -8.54
C TYR A 476 -9.59 0.66 -7.10
N ALA A 477 -9.38 -0.55 -6.56
CA ALA A 477 -9.92 -0.88 -5.25
C ALA A 477 -9.32 0.01 -4.16
N ALA A 478 -7.98 0.08 -4.10
CA ALA A 478 -7.30 0.93 -3.13
C ALA A 478 -6.23 1.76 -3.84
N SER A 479 -6.65 2.85 -4.47
CA SER A 479 -5.72 3.86 -4.96
C SER A 479 -6.04 5.24 -4.41
N PHE A 480 -7.26 5.74 -4.61
CA PHE A 480 -7.64 7.09 -4.20
C PHE A 480 -8.73 7.09 -3.14
N SER A 481 -9.38 5.96 -2.90
CA SER A 481 -10.34 5.86 -1.81
C SER A 481 -9.66 6.15 -0.48
N LEU A 482 -8.40 5.74 -0.33
CA LEU A 482 -7.65 6.06 0.88
C LEU A 482 -7.53 7.57 1.06
N VAL A 483 -7.19 8.29 -0.02
CA VAL A 483 -7.02 9.73 0.05
C VAL A 483 -8.35 10.40 0.41
N VAL A 484 -9.44 9.94 -0.24
CA VAL A 484 -10.75 10.54 0.03
C VAL A 484 -11.17 10.30 1.46
N ILE A 485 -10.97 9.08 1.97
CA ILE A 485 -11.36 8.75 3.34
C ILE A 485 -10.55 9.58 4.34
N SER A 486 -9.23 9.69 4.12
CA SER A 486 -8.41 10.48 5.02
C SER A 486 -8.81 11.95 5.01
N CYS A 487 -9.11 12.49 3.82
CA CYS A 487 -9.54 13.88 3.74
C CYS A 487 -10.86 14.09 4.47
N ILE A 488 -11.80 13.15 4.33
CA ILE A 488 -13.08 13.28 5.01
C ILE A 488 -12.89 13.21 6.52
N MET A 489 -12.02 12.32 6.99
CA MET A 489 -11.72 12.26 8.42
C MET A 489 -11.13 13.57 8.92
N CYS A 490 -10.18 14.14 8.18
CA CYS A 490 -9.56 15.39 8.59
C CYS A 490 -10.58 16.52 8.63
N VAL A 491 -11.48 16.57 7.65
CA VAL A 491 -12.51 17.61 7.64
C VAL A 491 -13.48 17.42 8.80
N ALA A 492 -13.83 16.17 9.11
CA ALA A 492 -14.75 15.90 10.19
C ALA A 492 -14.17 16.23 11.56
N ILE A 493 -12.88 15.99 11.77
CA ILE A 493 -12.28 16.31 13.06
C ILE A 493 -12.15 17.82 13.27
N MET A 494 -11.74 18.56 12.24
CA MET A 494 -11.42 19.97 12.42
C MET A 494 -12.65 20.87 12.40
N TYR A 495 -13.63 20.59 11.55
CA TYR A 495 -14.73 21.52 11.33
C TYR A 495 -16.05 21.09 11.93
N ILE A 496 -16.17 19.85 12.40
CA ILE A 496 -17.35 19.39 13.13
C ILE A 496 -17.09 19.38 14.63
N TYR A 497 -16.01 18.71 15.05
CA TYR A 497 -15.65 18.73 16.47
C TYR A 497 -15.09 20.09 16.87
N GLY A 498 -14.26 20.69 16.02
CA GLY A 498 -13.67 21.99 16.32
C GLY A 498 -12.16 21.87 16.40
N HIS A 499 -11.47 22.81 15.75
CA HIS A 499 -10.02 22.80 15.80
C HIS A 499 -9.49 23.23 17.17
N ARG A 500 -10.20 24.13 17.85
CA ARG A 500 -9.75 24.57 19.17
C ARG A 500 -9.77 23.42 20.17
N ASN A 501 -10.84 22.62 20.17
CA ASN A 501 -10.93 21.49 21.08
C ASN A 501 -9.83 20.47 20.82
N TYR A 502 -9.57 20.17 19.54
CA TYR A 502 -8.54 19.19 19.22
C TYR A 502 -7.15 19.72 19.56
N PHE A 503 -6.90 21.02 19.38
CA PHE A 503 -5.62 21.59 19.75
C PHE A 503 -5.43 21.59 21.26
N GLN A 504 -6.51 21.75 22.02
CA GLN A 504 -6.41 21.62 23.47
C GLN A 504 -6.24 20.16 23.88
N ASP A 505 -6.73 19.22 23.07
CA ASP A 505 -6.57 17.80 23.39
C ASP A 505 -5.13 17.34 23.22
N ILE A 506 -4.47 17.81 22.15
CA ILE A 506 -3.08 17.43 21.90
C ILE A 506 -2.19 17.96 23.01
N GLN A 507 -2.43 19.19 23.46
CA GLN A 507 -1.67 19.77 24.55
C GLN A 507 -1.81 18.96 25.84
N MET A 508 -2.91 18.22 26.00
CA MET A 508 -3.04 17.35 27.18
C MET A 508 -2.02 16.23 27.17
N MET A 509 -1.82 15.58 26.03
CA MET A 509 -0.85 14.49 25.95
C MET A 509 0.57 15.02 26.03
N LEU A 510 0.94 15.90 25.10
CA LEU A 510 2.28 16.48 25.06
C LEU A 510 2.37 17.60 26.08
N GLY A 511 3.43 18.39 26.01
CA GLY A 511 3.55 19.53 26.90
C GLY A 511 3.44 20.85 26.17
N PHE A 512 3.32 20.79 24.86
CA PHE A 512 3.33 21.96 23.99
C PHE A 512 2.18 21.87 22.99
N PRO A 513 1.72 23.02 22.49
CA PRO A 513 0.71 23.00 21.43
C PRO A 513 1.29 22.48 20.13
N PRO A 514 0.46 22.04 19.19
CA PRO A 514 0.99 21.57 17.92
C PRO A 514 1.70 22.69 17.19
N PRO A 515 2.72 22.35 16.39
CA PRO A 515 3.46 23.40 15.67
C PRO A 515 2.57 24.16 14.72
N LEU A 516 2.92 25.43 14.48
CA LEU A 516 2.12 26.29 13.62
C LEU A 516 2.05 25.75 12.19
N PHE A 517 3.07 25.03 11.76
CA PHE A 517 3.03 24.41 10.43
C PHE A 517 1.92 23.36 10.35
N PHE A 518 1.76 22.57 11.40
CA PHE A 518 0.74 21.53 11.38
C PHE A 518 -0.66 22.10 11.52
N GLN A 519 -0.81 23.21 12.25
CA GLN A 519 -2.12 23.86 12.34
C GLN A 519 -2.57 24.39 10.99
N ILE A 520 -1.64 24.96 10.23
CA ILE A 520 -1.96 25.46 8.89
C ILE A 520 -2.25 24.30 7.95
N CYS A 521 -1.40 23.27 7.95
CA CYS A 521 -1.63 22.13 7.08
C CYS A 521 -2.59 21.15 7.73
N TRP A 522 -3.66 21.66 8.31
CA TRP A 522 -4.79 20.85 8.76
C TRP A 522 -6.14 21.48 8.45
N ARG A 523 -6.20 22.79 8.24
CA ARG A 523 -7.46 23.49 7.98
C ARG A 523 -7.55 24.05 6.57
N PHE A 524 -6.44 24.38 5.94
CA PHE A 524 -6.49 25.02 4.63
C PHE A 524 -5.74 24.26 3.55
N VAL A 525 -4.54 23.75 3.85
CA VAL A 525 -3.65 23.29 2.78
C VAL A 525 -4.05 21.91 2.28
N SER A 526 -4.06 20.91 3.17
CA SER A 526 -4.34 19.55 2.74
C SER A 526 -5.75 19.38 2.15
N PRO A 527 -6.83 19.83 2.80
CA PRO A 527 -8.15 19.66 2.17
C PRO A 527 -8.28 20.35 0.82
N ALA A 528 -7.72 21.56 0.68
CA ALA A 528 -7.82 22.25 -0.60
C ALA A 528 -7.04 21.52 -1.69
N ILE A 529 -5.85 21.02 -1.37
CA ILE A 529 -5.05 20.30 -2.35
C ILE A 529 -5.77 19.03 -2.80
N ILE A 530 -6.31 18.27 -1.85
CA ILE A 530 -7.01 17.04 -2.20
C ILE A 530 -8.26 17.36 -3.01
N PHE A 531 -8.99 18.40 -2.62
CA PHE A 531 -10.19 18.79 -3.37
C PHE A 531 -9.86 19.19 -4.80
N PHE A 532 -8.79 19.98 -4.99
CA PHE A 532 -8.42 20.40 -6.33
C PHE A 532 -7.99 19.22 -7.18
N ILE A 533 -7.22 18.30 -6.60
CA ILE A 533 -6.81 17.11 -7.36
C ILE A 533 -8.04 16.31 -7.78
N LEU A 534 -8.98 16.09 -6.86
CA LEU A 534 -10.15 15.31 -7.18
C LEU A 534 -11.03 15.99 -8.23
N VAL A 535 -11.22 17.30 -8.12
CA VAL A 535 -12.05 18.02 -9.07
C VAL A 535 -11.41 18.01 -10.46
N PHE A 536 -10.10 18.26 -10.55
CA PHE A 536 -9.47 18.28 -11.86
C PHE A 536 -9.24 16.88 -12.42
N THR A 537 -9.39 15.83 -11.61
CA THR A 537 -9.34 14.48 -12.15
C THR A 537 -10.56 14.18 -13.02
N VAL A 538 -11.75 14.61 -12.59
CA VAL A 538 -12.96 14.31 -13.34
C VAL A 538 -13.25 15.32 -14.45
N ILE A 539 -12.73 16.54 -14.34
CA ILE A 539 -12.86 17.50 -15.44
C ILE A 539 -11.99 17.11 -16.62
N GLN A 540 -10.74 16.71 -16.35
CA GLN A 540 -9.85 16.22 -17.39
C GLN A 540 -10.17 14.79 -17.82
N TYR A 541 -11.26 14.21 -17.31
CA TYR A 541 -11.62 12.84 -17.60
C TYR A 541 -12.30 12.78 -18.98
N GLN A 542 -12.96 11.66 -19.26
CA GLN A 542 -13.49 11.32 -20.57
C GLN A 542 -12.57 11.66 -21.75
N PRO A 543 -11.32 11.20 -21.74
CA PRO A 543 -10.50 11.26 -22.95
C PRO A 543 -10.45 9.96 -23.74
N ILE A 544 -11.04 8.89 -23.21
CA ILE A 544 -10.92 7.52 -23.73
C ILE A 544 -9.43 7.20 -23.75
N THR A 545 -8.68 7.80 -22.82
CA THR A 545 -7.23 7.63 -22.78
C THR A 545 -6.76 7.29 -21.36
N TYR A 546 -7.48 7.77 -20.34
CA TYR A 546 -7.09 7.44 -18.97
C TYR A 546 -7.25 5.95 -18.67
N ASN A 547 -7.99 5.23 -19.50
CA ASN A 547 -7.96 3.78 -19.44
C ASN A 547 -6.66 3.33 -20.09
N HIS A 548 -5.61 3.22 -19.26
CA HIS A 548 -4.24 3.11 -19.75
C HIS A 548 -3.91 1.74 -20.33
N TYR A 549 -4.56 0.69 -19.85
CA TYR A 549 -4.24 -0.67 -20.25
C TYR A 549 -5.24 -1.24 -21.24
N GLN A 550 -6.13 -0.41 -21.80
CA GLN A 550 -7.10 -0.83 -22.81
C GLN A 550 -7.98 -1.97 -22.32
N TYR A 551 -8.48 -1.84 -21.09
CA TYR A 551 -9.41 -2.82 -20.56
C TYR A 551 -10.75 -2.73 -21.31
N PRO A 552 -11.49 -3.83 -21.40
CA PRO A 552 -12.81 -3.78 -22.05
C PRO A 552 -13.82 -2.95 -21.28
N GLY A 553 -15.05 -2.88 -21.79
CA GLY A 553 -16.05 -2.02 -21.18
C GLY A 553 -16.47 -2.47 -19.79
N TRP A 554 -16.68 -3.78 -19.61
CA TRP A 554 -17.16 -4.29 -18.33
C TRP A 554 -16.09 -4.27 -17.24
N ALA A 555 -14.82 -4.39 -17.61
CA ALA A 555 -13.75 -4.33 -16.61
C ALA A 555 -13.67 -2.95 -15.96
N VAL A 556 -13.84 -1.89 -16.73
CA VAL A 556 -13.84 -0.54 -16.16
C VAL A 556 -15.02 -0.36 -15.20
N ALA A 557 -16.18 -0.90 -15.58
CA ALA A 557 -17.35 -0.81 -14.70
C ALA A 557 -17.12 -1.56 -13.40
N ILE A 558 -16.52 -2.75 -13.48
CA ILE A 558 -16.23 -3.52 -12.27
C ILE A 558 -15.23 -2.77 -11.39
N GLY A 559 -14.21 -2.16 -12.01
CA GLY A 559 -13.26 -1.37 -11.25
C GLY A 559 -13.90 -0.18 -10.56
N PHE A 560 -14.81 0.50 -11.27
CA PHE A 560 -15.52 1.63 -10.66
C PHE A 560 -16.40 1.18 -9.51
N LEU A 561 -17.04 0.02 -9.65
CA LEU A 561 -17.83 -0.53 -8.56
C LEU A 561 -16.96 -0.86 -7.35
N MET A 562 -15.76 -1.39 -7.60
CA MET A 562 -14.83 -1.67 -6.51
C MET A 562 -14.38 -0.39 -5.82
N ALA A 563 -14.11 0.67 -6.59
CA ALA A 563 -13.63 1.91 -6.00
C ALA A 563 -14.71 2.64 -5.22
N LEU A 564 -15.98 2.46 -5.60
CA LEU A 564 -17.09 3.15 -4.95
C LEU A 564 -17.65 2.40 -3.75
N SER A 565 -17.31 1.13 -3.57
CA SER A 565 -17.88 0.34 -2.49
C SER A 565 -17.33 0.72 -1.12
N SER A 566 -16.22 1.46 -1.06
CA SER A 566 -15.63 1.87 0.20
C SER A 566 -15.96 3.31 0.57
N VAL A 567 -16.15 4.20 -0.40
CA VAL A 567 -16.50 5.60 -0.11
C VAL A 567 -18.00 5.81 -0.02
N LEU A 568 -18.81 4.81 -0.35
CA LEU A 568 -20.26 4.91 -0.16
C LEU A 568 -20.70 4.45 1.21
N CYS A 569 -19.80 3.93 2.03
CA CYS A 569 -20.15 3.57 3.40
C CYS A 569 -20.28 4.79 4.30
N ILE A 570 -19.79 5.94 3.88
CA ILE A 570 -19.83 7.17 4.69
C ILE A 570 -21.21 7.81 4.63
N PRO A 571 -21.82 8.02 3.45
CA PRO A 571 -23.17 8.60 3.44
C PRO A 571 -24.26 7.59 3.77
N LEU A 572 -24.01 6.30 3.48
CA LEU A 572 -25.03 5.29 3.72
C LEU A 572 -25.22 5.03 5.21
N TYR A 573 -24.14 5.03 5.98
CA TYR A 573 -24.29 4.88 7.42
C TYR A 573 -24.92 6.12 8.05
N ALA A 574 -24.62 7.30 7.51
CA ALA A 574 -25.21 8.52 8.04
C ALA A 574 -26.72 8.53 7.87
N MET A 575 -27.21 8.00 6.74
CA MET A 575 -28.66 7.88 6.55
C MET A 575 -29.28 6.93 7.56
N PHE A 576 -28.62 5.80 7.82
CA PHE A 576 -29.11 4.84 8.80
C PHE A 576 -29.15 5.48 10.18
N ARG A 577 -28.07 6.18 10.56
CA ARG A 577 -28.01 6.79 11.88
C ARG A 577 -29.02 7.92 12.03
N LEU A 578 -29.29 8.66 10.96
CA LEU A 578 -30.21 9.78 11.00
C LEU A 578 -31.68 9.38 11.00
N CYS A 579 -31.99 8.13 10.63
CA CYS A 579 -33.37 7.68 10.59
C CYS A 579 -33.86 7.13 11.92
N ARG A 580 -32.97 6.97 12.91
CA ARG A 580 -33.37 6.48 14.22
C ARG A 580 -32.86 7.37 15.35
N THR A 581 -32.38 8.57 15.03
CA THR A 581 -31.99 9.53 16.05
C THR A 581 -33.20 10.33 16.50
N ASP A 582 -33.45 10.34 17.81
CA ASP A 582 -34.60 11.05 18.34
C ASP A 582 -34.44 12.55 18.10
N GLY A 583 -35.51 13.19 17.62
CA GLY A 583 -35.44 14.62 17.35
C GLY A 583 -36.62 15.09 16.52
N ASP A 584 -36.37 16.14 15.75
CA ASP A 584 -37.40 16.81 14.97
C ASP A 584 -36.92 16.88 13.51
N THR A 585 -37.57 17.73 12.72
CA THR A 585 -37.19 17.93 11.33
C THR A 585 -35.68 18.13 11.21
N LEU A 586 -35.14 17.80 10.04
CA LEU A 586 -33.71 17.57 9.90
C LEU A 586 -32.95 18.90 10.00
N LEU A 587 -33.00 19.50 11.18
CA LEU A 587 -32.10 20.58 11.57
C LEU A 587 -31.56 20.30 12.96
N GLN A 588 -32.35 19.58 13.76
CA GLN A 588 -31.97 19.22 15.11
C GLN A 588 -31.48 17.78 15.21
N ARG A 589 -31.96 16.90 14.33
CA ARG A 589 -31.42 15.55 14.26
C ARG A 589 -29.97 15.56 13.80
N LEU A 590 -29.60 16.52 12.95
CA LEU A 590 -28.21 16.67 12.55
C LEU A 590 -27.34 17.05 13.74
N LYS A 591 -27.83 17.94 14.59
CA LYS A 591 -27.05 18.39 15.74
C LYS A 591 -26.96 17.31 16.82
N ASN A 592 -28.01 16.51 16.99
CA ASN A 592 -28.02 15.48 18.01
C ASN A 592 -27.20 14.25 17.65
N ALA A 593 -26.82 14.10 16.38
CA ALA A 593 -26.04 12.95 15.95
C ALA A 593 -24.56 13.24 15.83
N THR A 594 -24.16 14.50 15.73
CA THR A 594 -22.76 14.87 15.64
C THR A 594 -22.16 15.25 16.98
N LYS A 595 -22.95 15.27 18.06
CA LYS A 595 -22.42 15.57 19.37
C LYS A 595 -21.53 14.43 19.87
N PRO A 596 -20.46 14.75 20.60
CA PRO A 596 -19.64 13.69 21.18
C PRO A 596 -20.44 12.85 22.16
N SER A 597 -20.10 11.56 22.23
CA SER A 597 -20.78 10.67 23.14
C SER A 597 -20.44 11.00 24.58
N ARG A 598 -21.20 10.42 25.51
CA ARG A 598 -20.99 10.69 26.92
C ARG A 598 -19.71 10.05 27.46
N ASP A 599 -19.13 9.11 26.72
CA ASP A 599 -17.92 8.42 27.15
C ASP A 599 -16.72 8.74 26.26
N TRP A 600 -16.68 9.96 25.72
CA TRP A 600 -15.56 10.39 24.91
C TRP A 600 -14.51 11.07 25.77
N GLY A 601 -13.24 10.78 25.50
CA GLY A 601 -12.14 11.37 26.22
C GLY A 601 -11.05 10.37 26.52
N PRO A 602 -10.09 10.76 27.36
CA PRO A 602 -9.05 9.82 27.77
C PRO A 602 -9.64 8.64 28.53
N ALA A 603 -9.07 7.46 28.28
CA ALA A 603 -9.60 6.23 28.86
C ALA A 603 -8.90 5.85 30.16
N LEU A 604 -8.79 6.80 31.10
CA LEU A 604 -8.26 6.55 32.44
C LEU A 604 -8.86 7.60 33.36
N LEU A 605 -8.94 7.25 34.65
CA LEU A 605 -9.52 8.14 35.64
C LEU A 605 -8.56 9.27 36.00
N GLU A 606 -7.26 8.96 36.05
CA GLU A 606 -6.26 9.95 36.44
C GLU A 606 -5.93 10.93 35.34
N HIS A 607 -6.40 10.71 34.11
CA HIS A 607 -6.11 11.58 32.99
C HIS A 607 -7.31 12.39 32.52
N ARG A 608 -8.47 12.20 33.14
CA ARG A 608 -9.67 12.96 32.78
C ARG A 608 -9.69 14.23 33.63
N THR A 609 -8.75 15.13 33.31
CA THR A 609 -8.59 16.38 34.04
C THR A 609 -8.76 17.55 33.09
N GLY A 610 -9.46 18.58 33.55
CA GLY A 610 -9.68 19.77 32.75
C GLY A 610 -11.13 19.92 32.32
N ARG A 611 -11.39 19.73 31.03
CA ARG A 611 -12.73 19.83 30.47
C ARG A 611 -13.50 18.52 30.57
N TYR A 612 -12.91 17.48 31.17
CA TYR A 612 -13.53 16.18 31.26
C TYR A 612 -13.87 15.76 32.68
N ALA A 613 -13.36 16.46 33.70
CA ALA A 613 -13.63 16.08 35.09
C ALA A 613 -15.04 16.45 35.50
C1 A1EBX B . -1.24 0.22 8.85
C2 A1EBX B . -0.84 -0.99 8.03
C3 A1EBX B . -1.38 -2.25 8.63
C8 A1EBX B . 1.43 -1.04 7.10
C9 A1EBX B . 2.72 -1.53 7.26
C10 A1EBX B . 3.61 -1.45 6.20
C11 A1EBX B . 3.20 -0.90 5.00
C12 A1EBX B . 1.91 -0.41 4.84
C13 A1EBX B . 1.02 -0.49 5.89
C17 A1EBX B . 3.33 -0.37 2.28
F4 A1EBX B . -1.11 -2.35 9.92
F5 A1EBX B . -0.85 -3.33 8.07
F6 A1EBX B . -2.69 -2.36 8.51
O7 A1EBX B . 0.60 -1.18 8.17
S14 A1EBX B . 4.32 -0.87 3.64
O15 A1EBX B . 4.77 -2.21 3.39
O16 A1EBX B . 5.30 0.14 3.89
C18 A1EBX B . 3.16 -2.22 8.52
O19 A1EBX B . 3.42 -3.41 8.48
N20 A1EBX B . 3.26 -1.52 9.66
C21 A1EBX B . 3.58 -2.25 10.87
C22 A1EBX B . 2.89 -1.45 11.95
C23 A1EBX B . 1.47 -1.03 11.68
C24 A1EBX B . 2.59 -0.09 11.38
C25 A1EBX B . 3.07 -0.10 9.94
C26 A1EBX B . 2.85 1.11 12.27
N27 A1EBX B . 3.56 2.12 11.87
O28 A1EBX B . 3.65 2.98 12.99
C29 A1EBX B . 2.97 2.40 14.00
C30 A1EBX B . 2.46 1.25 13.60
C31 A1EBX B . 2.97 3.15 15.29
F32 A1EBX B . 3.21 2.37 16.32
F33 A1EBX B . 1.80 3.69 15.55
F34 A1EBX B . 3.87 4.11 15.31
CL CL C . 6.56 5.20 -0.59
C1 CLR D . -11.94 26.39 3.25
C2 CLR D . -11.50 27.37 4.33
C3 CLR D . -12.74 27.96 5.01
C4 CLR D . -13.54 26.83 5.66
C5 CLR D . -13.84 25.72 4.71
C6 CLR D . -15.08 25.22 4.67
C7 CLR D . -15.50 24.13 3.77
C8 CLR D . -14.28 23.34 3.30
C9 CLR D . -13.26 24.32 2.70
C10 CLR D . -12.72 25.21 3.84
C11 CLR D . -12.12 23.62 1.93
C12 CLR D . -12.44 22.30 1.19
C13 CLR D . -13.45 21.42 1.93
C14 CLR D . -14.65 22.32 2.23
C15 CLR D . -15.78 21.36 2.54
C16 CLR D . -15.52 20.17 1.60
C17 CLR D . -14.03 20.17 1.20
C18 CLR D . -12.79 20.87 3.21
C19 CLR D . -11.77 24.39 4.71
C20 CLR D . -13.29 18.83 1.39
C21 CLR D . -12.25 18.53 0.32
C22 CLR D . -14.31 17.65 1.50
C23 CLR D . -14.33 16.76 0.25
C24 CLR D . -13.95 15.32 0.61
C25 CLR D . -13.59 14.51 -0.64
C26 CLR D . -12.41 15.13 -1.38
C27 CLR D . -14.79 14.44 -1.58
O1 CLR D . -12.30 28.79 6.04
C1 CLR E . -10.40 7.47 -11.48
C2 CLR E . -9.68 6.56 -12.45
C3 CLR E . -8.46 5.98 -11.75
C4 CLR E . -8.93 5.12 -10.57
C5 CLR E . -9.88 5.82 -9.66
C6 CLR E . -9.76 5.64 -8.34
C7 CLR E . -10.65 6.27 -7.32
C8 CLR E . -11.85 6.97 -7.93
C9 CLR E . -11.42 7.72 -9.20
C10 CLR E . -10.94 6.70 -10.26
C11 CLR E . -12.52 8.65 -9.75
C12 CLR E . -13.41 9.38 -8.74
C13 CLR E . -13.76 8.57 -7.50
C14 CLR E . -12.44 7.98 -6.96
C15 CLR E . -12.80 7.51 -5.56
C16 CLR E . -13.90 8.45 -5.09
C17 CLR E . -14.37 9.32 -6.29
C18 CLR E . -14.80 7.49 -7.88
C19 CLR E . -12.09 5.81 -10.69
C20 CLR E . -15.88 9.66 -6.34
C21 CLR E . -16.19 11.04 -6.91
C22 CLR E . -16.53 9.50 -4.94
C23 CLR E . -16.59 10.83 -4.16
C24 CLR E . -16.85 10.58 -2.66
C25 CLR E . -18.20 11.13 -2.19
C26 CLR E . -18.25 11.25 -0.67
C27 CLR E . -19.34 10.23 -2.67
O1 CLR E . -7.81 5.14 -12.64
C1 CLR F . -2.67 -27.50 -5.00
C2 CLR F . -2.18 -28.35 -6.16
C3 CLR F . -0.67 -28.35 -6.14
C4 CLR F . -0.20 -29.02 -4.86
C5 CLR F . -0.80 -28.42 -3.65
C6 CLR F . -0.01 -28.19 -2.61
C7 CLR F . -0.45 -27.61 -1.33
C8 CLR F . -1.96 -27.60 -1.23
C9 CLR F . -2.56 -27.09 -2.53
C10 CLR F . -2.25 -28.09 -3.66
C11 CLR F . -4.04 -26.83 -2.44
C12 CLR F . -4.57 -26.24 -1.15
C13 CLR F . -3.85 -26.66 0.13
C14 CLR F . -2.35 -26.63 -0.17
C15 CLR F . -1.68 -26.77 1.18
C16 CLR F . -2.71 -26.24 2.17
C17 CLR F . -3.91 -25.74 1.38
C18 CLR F . -4.32 -28.04 0.59
C19 CLR F . -3.04 -29.39 -3.43
C20 CLR F . -5.17 -25.58 2.23
C21 CLR F . -6.48 -25.28 1.54
C22 CLR F . -4.92 -24.45 3.22
C23 CLR F . -6.12 -23.54 3.35
C24 CLR F . -5.81 -22.37 4.25
C25 CLR F . -6.85 -22.26 5.36
C26 CLR F . -6.25 -21.57 6.53
C27 CLR F . -7.25 -23.61 5.84
O1 CLR F . -0.22 -29.16 -7.17
NA NA G . 7.29 -5.64 7.48
NA NA H . 4.55 2.49 8.01
#